data_4M7L
#
_entry.id   4M7L
#
_cell.length_a   116.860
_cell.length_b   116.860
_cell.length_c   106.860
_cell.angle_alpha   90.00
_cell.angle_beta   90.00
_cell.angle_gamma   90.00
#
_symmetry.space_group_name_H-M   'I 41'
#
loop_
_entity.id
_entity.type
_entity.pdbx_description
1 polymer 'Tissue factor'
2 polymer '10H10 light chain'
3 polymer '10H10 heavy chain'
#
loop_
_entity_poly.entity_id
_entity_poly.type
_entity_poly.pdbx_seq_one_letter_code
_entity_poly.pdbx_strand_id
1 'polypeptide(L)'
;NTVAAYNLTWKSTNFKTILEWEPKPVNQVYTVQISTKSGDWKSKCFYTTDTECDLTDEIVKDVKQTYLARVFSYPAGNVE
STGSAGEPLYENSPEFTPYLETNLGQPTIQSFEQVGTKVNVTVEDERTLVRRNNTFLSLRDVFGKDLIYTLYYWKSSSSG
KKTAKTNTNEFLIDVDKGENYCFSVQAVIPSRTVNRKSTDSPVECMGQEHHHHHH
;
T
2 'polypeptide(L)'
;DIVMTQSPSSLTVTAGEKVTMSCKSSQSLLSSGNQKNYLTWYQQIPGQPPKLLIYWASTRESGVPDRFTGSGSGTDFTLT
INSVQAEDLAVYYCQNDYTYPLTFGAGTKLELKRTVAAPSVFIFPPSDEQLKSGTASVVCLLNNFYPREAKVQWKVDNAL
QSGNSQESVTEQDSKDSTYSLSSTLTLSKADYEKHKVYACEVTHQGLSSPVTKSFNRGEC
;
L
3 'polypeptide(L)'
;(PCA)VHLQQSGAELMKPGASVKISCKASGYTFITYWIEWVKQRPGHGLEWIGDILPGSGSTNYNENFKGKATFTADSSS
NTAYMQLSSLTSEDSAVYYCARSGYYGNSGFAYWGQGTLVTVSAASTKGPSVFPLAPSSKSTSGGTAALGCLVKDYFPEP
VTVSWNSGALTSGVHTFPAVLQSSGLYSLSSVVTVPSSSLGTQTYICNVNHKPSNTKVDKKVEPKSCHHHHHH
;
H
#
# COMPACT_ATOMS: atom_id res chain seq x y z
N THR A 2 18.81 16.23 48.54
CA THR A 2 17.87 16.68 47.45
C THR A 2 16.51 15.98 47.49
N VAL A 3 15.55 16.55 46.78
CA VAL A 3 14.24 15.91 46.58
C VAL A 3 14.15 15.51 45.10
N ALA A 4 13.55 14.35 44.81
CA ALA A 4 13.29 13.97 43.41
C ALA A 4 12.11 14.78 42.91
N ALA A 5 12.13 15.10 41.62
CA ALA A 5 10.98 15.75 41.00
C ALA A 5 9.74 14.83 41.08
N TYR A 6 8.55 15.43 41.14
CA TYR A 6 7.30 14.68 41.15
C TYR A 6 6.12 15.46 40.55
N ASN A 7 5.01 14.77 40.29
CA ASN A 7 3.88 15.35 39.56
C ASN A 7 4.30 15.90 38.19
N LEU A 8 5.03 15.08 37.43
CA LEU A 8 5.51 15.52 36.11
C LEU A 8 4.33 15.58 35.14
N THR A 9 4.07 16.76 34.59
CA THR A 9 2.97 16.93 33.63
C THR A 9 3.38 17.62 32.29
N TRP A 10 2.74 17.16 31.23
CA TRP A 10 2.90 17.79 29.94
C TRP A 10 1.88 18.88 29.71
N LYS A 11 2.35 20.11 29.56
CA LYS A 11 1.52 21.28 29.28
C LYS A 11 1.65 21.63 27.79
N SER A 12 0.61 21.36 27.00
CA SER A 12 0.75 21.48 25.52
C SER A 12 -0.47 21.95 24.74
N THR A 13 -0.26 22.95 23.92
CA THR A 13 -1.32 23.45 23.08
C THR A 13 -0.72 23.70 21.70
N ASN A 14 -1.45 23.26 20.67
CA ASN A 14 -0.99 23.33 19.28
C ASN A 14 0.47 22.97 19.10
N PHE A 15 0.89 21.98 19.89
CA PHE A 15 2.22 21.35 19.82
C PHE A 15 3.30 22.13 20.56
N LYS A 16 2.98 23.33 21.00
CA LYS A 16 3.87 24.00 21.94
C LYS A 16 3.78 23.16 23.19
N THR A 17 4.93 22.62 23.61
CA THR A 17 4.99 21.59 24.65
C THR A 17 6.01 21.91 25.75
N ILE A 18 5.57 21.86 27.01
CA ILE A 18 6.41 22.16 28.17
C ILE A 18 6.16 21.14 29.27
N LEU A 19 7.22 20.45 29.72
CA LEU A 19 7.11 19.57 30.88
C LEU A 19 7.18 20.40 32.14
N GLU A 20 6.29 20.11 33.08
CA GLU A 20 6.28 20.80 34.39
C GLU A 20 6.39 19.82 35.52
N TRP A 21 6.89 20.31 36.65
CA TRP A 21 7.04 19.46 37.82
C TRP A 21 7.14 20.24 39.11
N GLU A 22 7.34 19.49 40.19
CA GLU A 22 7.57 20.05 41.51
C GLU A 22 8.76 19.29 42.08
N PRO A 23 9.39 19.82 43.14
CA PRO A 23 9.11 21.09 43.82
C PRO A 23 9.94 22.25 43.31
N LYS A 24 9.55 23.47 43.72
CA LYS A 24 10.41 24.65 43.58
C LYS A 24 11.68 24.36 44.37
N PRO A 25 12.86 24.43 43.72
CA PRO A 25 14.04 23.83 44.32
C PRO A 25 14.72 24.71 45.35
N VAL A 26 15.07 24.08 46.46
CA VAL A 26 15.88 24.74 47.46
C VAL A 26 17.21 24.01 47.45
N ASN A 27 18.26 24.79 47.18
CA ASN A 27 19.64 24.30 47.07
C ASN A 27 19.81 23.08 46.18
N GLN A 28 19.08 23.07 45.06
CA GLN A 28 19.29 22.02 44.09
C GLN A 28 18.92 22.50 42.68
N VAL A 29 19.33 21.74 41.68
CA VAL A 29 19.05 22.10 40.29
C VAL A 29 18.48 20.88 39.52
N TYR A 30 17.90 21.12 38.34
CA TYR A 30 17.32 20.03 37.55
C TYR A 30 17.94 19.94 36.17
N THR A 31 17.91 18.74 35.62
CA THR A 31 18.20 18.54 34.20
C THR A 31 17.17 17.56 33.66
N VAL A 32 16.54 17.96 32.54
CA VAL A 32 15.51 17.18 31.86
C VAL A 32 16.07 16.38 30.70
N GLN A 33 15.62 15.16 30.64
CA GLN A 33 15.95 14.30 29.54
C GLN A 33 14.68 13.79 28.96
N ILE A 34 14.56 13.93 27.67
CA ILE A 34 13.44 13.33 26.95
C ILE A 34 13.97 12.20 26.08
N SER A 35 13.12 11.20 25.86
CA SER A 35 13.49 10.05 25.05
C SER A 35 12.64 9.90 23.80
N THR A 36 13.35 9.67 22.71
CA THR A 36 12.74 9.28 21.46
C THR A 36 11.96 7.94 21.60
N LYS A 37 12.21 7.24 22.72
CA LYS A 37 11.66 5.91 23.05
C LYS A 37 12.46 4.75 22.47
N SER A 38 13.11 4.98 21.32
CA SER A 38 13.93 3.96 20.70
C SER A 38 15.26 4.51 20.18
N GLY A 39 15.90 5.35 20.99
CA GLY A 39 17.20 5.92 20.66
C GLY A 39 18.04 6.13 21.90
N ASP A 40 17.60 7.06 22.74
CA ASP A 40 18.38 7.49 23.89
C ASP A 40 17.64 8.53 24.73
N TRP A 41 18.27 8.91 25.84
CA TRP A 41 17.82 9.99 26.72
C TRP A 41 18.46 11.29 26.31
N LYS A 42 17.69 12.17 25.72
CA LYS A 42 18.23 13.45 25.34
C LYS A 42 17.76 14.51 26.33
N SER A 43 18.73 15.21 26.92
CA SER A 43 18.44 16.31 27.83
C SER A 43 18.07 17.48 27.00
N LYS A 44 17.20 18.33 27.50
CA LYS A 44 16.91 19.54 26.77
C LYS A 44 17.08 20.75 27.63
N CYS A 45 17.02 20.52 28.94
CA CYS A 45 17.31 21.55 29.89
C CYS A 45 18.49 21.06 30.76
N PHE A 46 19.48 21.96 31.09
CA PHE A 46 20.69 21.58 31.88
C PHE A 46 20.87 22.37 33.15
N TYR A 47 20.77 21.69 34.28
CA TYR A 47 21.07 22.30 35.58
C TYR A 47 20.31 23.60 35.84
N THR A 48 18.99 23.55 35.64
CA THR A 48 18.14 24.73 35.74
C THR A 48 17.53 24.87 37.13
N THR A 49 17.16 26.09 37.52
CA THR A 49 16.42 26.30 38.76
C THR A 49 14.93 26.41 38.48
N ASP A 50 14.55 26.30 37.20
CA ASP A 50 13.14 26.29 36.82
C ASP A 50 12.47 24.94 37.08
N THR A 51 11.14 24.97 37.22
CA THR A 51 10.28 23.76 37.34
C THR A 51 9.45 23.52 36.09
N GLU A 52 9.99 23.95 34.96
CA GLU A 52 9.43 23.65 33.64
C GLU A 52 10.51 23.59 32.55
N CYS A 53 10.28 22.83 31.47
CA CYS A 53 11.23 22.76 30.34
C CYS A 53 10.47 22.76 29.03
N ASP A 54 10.81 23.69 28.16
CA ASP A 54 10.19 23.80 26.85
C ASP A 54 10.77 22.69 25.97
N LEU A 55 9.92 21.84 25.46
CA LEU A 55 10.36 20.72 24.62
C LEU A 55 9.80 20.77 23.19
N THR A 56 9.27 21.92 22.84
CA THR A 56 8.64 22.12 21.57
C THR A 56 9.55 21.60 20.46
N ASP A 57 10.77 22.15 20.39
CA ASP A 57 11.69 21.83 19.30
C ASP A 57 11.92 20.33 19.13
N GLU A 58 11.73 19.56 20.20
CA GLU A 58 11.88 18.11 20.07
C GLU A 58 10.62 17.44 19.51
N ILE A 59 9.46 17.76 20.06
CA ILE A 59 8.26 17.06 19.67
C ILE A 59 7.82 17.42 18.25
N VAL A 60 8.18 18.60 17.79
CA VAL A 60 7.68 19.00 16.49
C VAL A 60 8.47 18.37 15.40
N LYS A 61 9.51 17.66 15.79
CA LYS A 61 10.32 16.89 14.84
C LYS A 61 9.51 15.70 14.33
N ASP A 62 8.61 15.23 15.19
CA ASP A 62 7.75 14.11 14.89
C ASP A 62 6.63 14.15 15.91
N VAL A 63 5.47 14.63 15.50
CA VAL A 63 4.37 14.79 16.43
C VAL A 63 3.55 13.51 16.57
N LYS A 64 3.89 12.50 15.78
CA LYS A 64 3.18 11.22 15.82
C LYS A 64 4.07 10.14 16.44
N GLN A 65 4.84 10.56 17.44
CA GLN A 65 5.74 9.71 18.19
C GLN A 65 5.29 9.73 19.65
N THR A 66 5.68 8.73 20.44
CA THR A 66 5.41 8.79 21.87
C THR A 66 6.71 9.19 22.61
N TYR A 67 6.61 10.19 23.48
CA TYR A 67 7.77 10.75 24.14
C TYR A 67 7.73 10.46 25.63
N LEU A 68 8.89 10.10 26.15
CA LEU A 68 9.09 9.98 27.57
C LEU A 68 10.06 11.04 28.03
N ALA A 69 9.91 11.47 29.26
CA ALA A 69 10.86 12.40 29.82
C ALA A 69 11.25 11.94 31.23
N ARG A 70 12.39 12.43 31.73
CA ARG A 70 12.83 12.17 33.11
C ARG A 70 13.47 13.44 33.63
N VAL A 71 13.34 13.69 34.93
CA VAL A 71 13.90 14.89 35.56
C VAL A 71 14.88 14.46 36.64
N PHE A 72 16.15 14.76 36.40
CA PHE A 72 17.21 14.48 37.37
C PHE A 72 17.33 15.63 38.35
N SER A 73 17.62 15.29 39.61
CA SER A 73 17.89 16.27 40.66
C SER A 73 19.38 16.22 41.06
N TYR A 74 19.98 17.41 41.24
CA TYR A 74 21.38 17.52 41.65
C TYR A 74 21.49 18.63 42.69
N PRO A 75 22.43 18.50 43.65
CA PRO A 75 22.65 19.57 44.63
C PRO A 75 23.29 20.83 44.05
N ALA A 76 23.04 21.97 44.67
CA ALA A 76 23.65 23.24 44.30
C ALA A 76 24.99 23.45 45.02
N PRO A 88 22.44 9.88 41.14
CA PRO A 88 21.51 10.94 41.53
C PRO A 88 20.03 10.57 41.27
N LEU A 89 19.11 11.23 41.97
CA LEU A 89 17.68 10.91 41.86
C LEU A 89 17.02 11.47 40.58
N TYR A 90 16.06 10.71 40.05
CA TYR A 90 15.31 11.07 38.86
C TYR A 90 13.90 10.52 38.95
N GLU A 91 13.04 10.99 38.06
CA GLU A 91 11.66 10.54 38.01
C GLU A 91 11.19 10.55 36.58
N ASN A 92 10.47 9.50 36.21
CA ASN A 92 9.89 9.38 34.84
C ASN A 92 8.51 10.08 34.69
N SER A 93 8.38 10.88 33.63
CA SER A 93 7.10 11.52 33.25
C SER A 93 6.04 10.47 32.81
N PRO A 94 4.78 10.89 32.64
CA PRO A 94 3.88 10.09 31.85
C PRO A 94 4.28 10.18 30.40
N GLU A 95 3.75 9.22 29.64
CA GLU A 95 3.93 9.15 28.20
C GLU A 95 3.14 10.26 27.55
N PHE A 96 3.66 10.81 26.47
CA PHE A 96 3.00 11.86 25.77
C PHE A 96 3.11 11.63 24.25
N THR A 97 1.95 11.49 23.63
CA THR A 97 1.83 11.45 22.17
C THR A 97 1.14 12.74 21.74
N PRO A 98 1.92 13.65 21.13
CA PRO A 98 1.49 15.01 20.77
C PRO A 98 0.22 15.07 19.91
N TYR A 99 0.23 14.35 18.80
CA TYR A 99 -0.89 14.31 17.88
C TYR A 99 -2.23 13.98 18.59
N LEU A 100 -2.22 12.98 19.45
CA LEU A 100 -3.43 12.57 20.06
C LEU A 100 -3.75 13.40 21.30
N GLU A 101 -2.74 14.08 21.85
CA GLU A 101 -2.89 14.60 23.21
C GLU A 101 -2.81 16.11 23.35
N THR A 102 -2.16 16.78 22.41
CA THR A 102 -1.99 18.23 22.51
C THR A 102 -3.33 19.00 22.37
N ASN A 103 -3.53 20.02 23.23
CA ASN A 103 -4.77 20.83 23.24
C ASN A 103 -4.87 21.64 21.94
N LEU A 104 -6.07 21.80 21.22
CA LEU A 104 -6.21 22.70 20.07
C LEU A 104 -6.31 24.14 20.54
N GLY A 105 -5.56 25.06 19.96
CA GLY A 105 -5.64 26.46 20.39
C GLY A 105 -6.91 27.20 19.99
N GLN A 106 -7.20 28.26 20.74
CA GLN A 106 -8.31 29.17 20.43
C GLN A 106 -8.27 29.67 18.98
N PRO A 107 -9.32 29.38 18.21
CA PRO A 107 -9.34 29.80 16.81
C PRO A 107 -9.68 31.29 16.65
N THR A 108 -9.49 31.84 15.44
CA THR A 108 -9.86 33.22 15.15
C THR A 108 -10.68 33.26 13.87
N ILE A 109 -11.79 34.01 13.90
CA ILE A 109 -12.59 34.23 12.70
C ILE A 109 -11.80 35.11 11.72
N GLN A 110 -11.59 34.60 10.52
CA GLN A 110 -10.87 35.34 9.49
C GLN A 110 -11.77 36.40 8.87
N SER A 111 -12.97 36.00 8.50
CA SER A 111 -13.89 36.88 7.80
C SER A 111 -15.29 36.29 7.76
N PHE A 112 -16.26 37.19 7.86
CA PHE A 112 -17.64 36.90 7.52
C PHE A 112 -18.05 37.81 6.36
N GLU A 113 -18.97 37.33 5.55
CA GLU A 113 -19.48 38.10 4.44
C GLU A 113 -20.87 37.61 4.09
N GLN A 114 -21.74 38.55 3.74
CA GLN A 114 -23.13 38.25 3.42
C GLN A 114 -23.29 37.95 1.92
N VAL A 115 -23.19 36.66 1.57
CA VAL A 115 -23.36 36.18 0.19
C VAL A 115 -24.83 35.85 -0.11
N GLY A 116 -25.56 36.85 -0.63
CA GLY A 116 -26.98 36.70 -0.92
C GLY A 116 -27.84 36.61 0.34
N THR A 117 -28.67 35.57 0.41
CA THR A 117 -29.48 35.27 1.59
C THR A 117 -28.75 34.36 2.58
N LYS A 118 -27.46 34.13 2.30
CA LYS A 118 -26.58 33.34 3.14
C LYS A 118 -25.34 34.12 3.61
N VAL A 119 -24.67 33.59 4.62
CA VAL A 119 -23.44 34.21 5.13
C VAL A 119 -22.32 33.20 5.04
N ASN A 120 -21.18 33.69 4.58
CA ASN A 120 -19.96 32.90 4.61
C ASN A 120 -19.14 33.28 5.83
N VAL A 121 -18.70 32.27 6.57
CA VAL A 121 -17.81 32.51 7.71
C VAL A 121 -16.55 31.71 7.51
N THR A 122 -15.41 32.39 7.55
CA THR A 122 -14.11 31.78 7.33
C THR A 122 -13.30 31.76 8.60
N VAL A 123 -12.75 30.59 8.96
CA VAL A 123 -11.82 30.48 10.07
C VAL A 123 -10.38 30.64 9.57
N GLU A 124 -9.54 31.28 10.38
CA GLU A 124 -8.11 31.33 10.09
C GLU A 124 -7.50 29.94 10.24
N ASP A 125 -6.61 29.58 9.33
CA ASP A 125 -5.84 28.36 9.47
C ASP A 125 -4.70 28.67 10.42
N GLU A 126 -4.85 28.22 11.66
CA GLU A 126 -3.93 28.52 12.75
C GLU A 126 -2.53 27.94 12.54
N ARG A 127 -1.51 28.71 12.85
CA ARG A 127 -0.13 28.24 12.74
C ARG A 127 0.34 27.49 13.95
N THR A 128 1.17 26.47 13.75
CA THR A 128 1.67 25.65 14.86
C THR A 128 3.17 25.74 14.99
N LEU A 129 3.71 25.04 15.97
CA LEU A 129 5.16 25.02 16.12
C LEU A 129 5.83 23.84 15.36
N VAL A 130 5.06 23.00 14.68
CA VAL A 130 5.65 21.96 13.86
C VAL A 130 6.28 22.62 12.66
N ARG A 131 7.53 22.27 12.41
CA ARG A 131 8.31 22.88 11.34
C ARG A 131 8.80 21.83 10.35
N ARG A 132 8.67 22.14 9.07
CA ARG A 132 9.25 21.34 8.01
C ARG A 132 10.02 22.27 7.06
N ASN A 133 11.33 22.04 6.95
CA ASN A 133 12.22 22.96 6.25
C ASN A 133 12.03 24.42 6.67
N ASN A 134 11.37 25.18 5.81
CA ASN A 134 11.11 26.57 6.12
C ASN A 134 9.65 26.91 6.16
N THR A 135 8.85 25.97 6.61
CA THR A 135 7.44 26.22 6.69
C THR A 135 7.02 25.83 8.09
N PHE A 136 6.31 26.74 8.75
CA PHE A 136 5.64 26.40 10.01
C PHE A 136 4.25 25.89 9.73
N LEU A 137 4.08 24.59 9.90
CA LEU A 137 2.88 23.95 9.45
C LEU A 137 1.70 24.47 10.25
N SER A 138 0.55 24.52 9.58
CA SER A 138 -0.73 24.91 10.16
C SER A 138 -1.60 23.71 10.64
N LEU A 139 -2.60 24.01 11.46
CA LEU A 139 -3.55 23.00 11.87
C LEU A 139 -3.87 22.12 10.68
N ARG A 140 -4.31 22.75 9.60
CA ARG A 140 -4.74 22.01 8.46
C ARG A 140 -3.61 21.15 7.95
N ASP A 141 -2.42 21.73 7.89
CA ASP A 141 -1.27 20.95 7.44
C ASP A 141 -1.06 19.65 8.22
N VAL A 142 -1.15 19.75 9.54
CA VAL A 142 -0.76 18.66 10.41
C VAL A 142 -1.85 17.63 10.49
N PHE A 143 -3.07 18.12 10.66
CA PHE A 143 -4.20 17.26 10.94
C PHE A 143 -4.95 16.82 9.70
N GLY A 144 -4.96 17.66 8.68
CA GLY A 144 -5.70 17.34 7.46
C GLY A 144 -7.19 17.13 7.67
N LYS A 145 -7.75 16.05 7.12
CA LYS A 145 -9.18 15.77 7.19
C LYS A 145 -9.68 15.36 8.56
N ASP A 146 -8.77 15.13 9.50
CA ASP A 146 -9.13 14.87 10.91
C ASP A 146 -9.69 16.10 11.59
N LEU A 147 -9.37 17.26 11.01
CA LEU A 147 -9.76 18.55 11.56
C LEU A 147 -11.10 19.03 10.97
N ILE A 148 -12.03 19.40 11.86
CA ILE A 148 -13.37 19.90 11.53
C ILE A 148 -13.62 21.15 12.35
N TYR A 149 -14.42 22.08 11.82
CA TYR A 149 -14.84 23.25 12.61
C TYR A 149 -16.35 23.27 12.95
N THR A 150 -16.65 23.81 14.12
CA THR A 150 -18.03 24.05 14.49
C THR A 150 -18.27 25.54 14.63
N LEU A 151 -19.43 25.99 14.16
CA LEU A 151 -19.86 27.39 14.32
C LEU A 151 -21.10 27.57 15.19
N TYR A 152 -21.20 28.65 15.90
CA TYR A 152 -22.41 29.06 16.56
C TYR A 152 -22.85 30.42 16.02
N TYR A 153 -24.12 30.53 15.66
CA TYR A 153 -24.61 31.79 15.11
C TYR A 153 -26.00 32.16 15.63
N TRP A 154 -26.17 33.44 16.01
CA TRP A 154 -27.44 34.00 16.53
C TRP A 154 -27.36 35.48 16.69
N LYS A 155 -28.50 36.15 16.62
CA LYS A 155 -28.58 37.51 17.10
C LYS A 155 -28.83 37.47 18.60
N SER A 156 -27.99 38.15 19.38
CA SER A 156 -28.02 38.00 20.83
C SER A 156 -29.35 38.47 21.46
N SER A 157 -30.31 38.88 20.62
CA SER A 157 -31.62 39.36 21.07
C SER A 157 -32.68 38.27 21.32
N SER A 158 -32.87 37.37 20.36
CA SER A 158 -33.80 36.24 20.55
C SER A 158 -33.06 34.94 20.88
N SER A 159 -31.75 34.95 20.68
CA SER A 159 -30.85 33.85 21.08
C SER A 159 -31.22 32.48 20.49
N GLY A 160 -30.92 32.29 19.21
CA GLY A 160 -31.26 31.05 18.49
C GLY A 160 -30.07 30.12 18.30
N LYS A 161 -29.94 29.14 19.18
CA LYS A 161 -28.76 28.26 19.24
C LYS A 161 -28.74 27.31 18.05
N LYS A 162 -28.32 27.82 16.90
CA LYS A 162 -28.26 27.06 15.66
C LYS A 162 -26.82 26.64 15.38
N THR A 163 -26.60 25.37 15.05
CA THR A 163 -25.25 24.87 14.89
C THR A 163 -24.91 24.46 13.46
N ALA A 164 -23.65 24.82 13.13
CA ALA A 164 -23.15 24.36 11.85
C ALA A 164 -21.80 23.69 12.02
N LYS A 165 -21.52 22.80 11.09
CA LYS A 165 -20.31 22.00 11.13
C LYS A 165 -19.72 22.01 9.75
N THR A 166 -18.40 22.13 9.68
CA THR A 166 -17.72 22.01 8.38
C THR A 166 -16.44 21.21 8.40
N ASN A 167 -16.20 20.53 7.28
CA ASN A 167 -14.96 19.79 7.07
C ASN A 167 -13.82 20.70 6.59
N THR A 168 -14.16 21.87 6.07
CA THR A 168 -13.14 22.79 5.57
C THR A 168 -12.95 23.90 6.58
N ASN A 169 -12.58 25.09 6.08
CA ASN A 169 -12.39 26.30 6.91
C ASN A 169 -13.53 27.30 6.78
N GLU A 170 -14.52 26.96 5.94
CA GLU A 170 -15.63 27.86 5.59
C GLU A 170 -17.04 27.34 5.94
N PHE A 171 -17.88 28.22 6.46
CA PHE A 171 -19.26 27.88 6.71
C PHE A 171 -20.13 28.63 5.71
N LEU A 172 -21.16 27.96 5.19
CA LEU A 172 -22.23 28.60 4.42
C LEU A 172 -23.61 28.44 5.04
N ILE A 173 -24.08 29.46 5.73
CA ILE A 173 -25.26 29.32 6.57
C ILE A 173 -26.45 30.13 6.09
N ASP A 174 -27.67 29.68 6.44
CA ASP A 174 -28.89 30.42 6.15
C ASP A 174 -29.19 31.44 7.25
N VAL A 175 -29.56 32.65 6.83
CA VAL A 175 -29.89 33.77 7.76
C VAL A 175 -31.19 34.48 7.42
N ASP A 176 -31.71 35.24 8.38
CA ASP A 176 -32.88 36.08 8.17
C ASP A 176 -32.44 37.50 7.77
N LYS A 177 -33.24 38.13 6.90
CA LYS A 177 -32.95 39.45 6.31
C LYS A 177 -32.93 40.59 7.34
N GLY A 178 -31.90 41.43 7.27
CA GLY A 178 -31.77 42.62 8.11
C GLY A 178 -31.32 42.37 9.54
N GLU A 179 -31.11 41.09 9.86
CA GLU A 179 -30.81 40.63 11.20
C GLU A 179 -29.29 40.49 11.44
N ASN A 180 -28.79 41.20 12.46
CA ASN A 180 -27.36 41.13 12.83
C ASN A 180 -27.03 39.90 13.68
N TYR A 181 -26.24 38.99 13.11
CA TYR A 181 -25.85 37.77 13.82
C TYR A 181 -24.48 37.89 14.48
N CYS A 182 -24.28 37.08 15.51
CA CYS A 182 -23.00 36.96 16.16
C CYS A 182 -22.41 35.59 15.90
N PHE A 183 -21.08 35.52 15.76
CA PHE A 183 -20.43 34.27 15.42
C PHE A 183 -19.32 33.90 16.41
N SER A 184 -19.18 32.60 16.65
CA SER A 184 -18.02 32.04 17.32
C SER A 184 -17.72 30.65 16.78
N VAL A 185 -16.44 30.37 16.55
CA VAL A 185 -16.04 29.05 16.02
C VAL A 185 -15.25 28.21 17.00
N GLN A 186 -15.23 26.90 16.73
CA GLN A 186 -14.48 25.93 17.52
C GLN A 186 -13.79 24.92 16.62
N ALA A 187 -12.59 24.55 17.03
CA ALA A 187 -11.79 23.55 16.36
C ALA A 187 -12.13 22.20 16.99
N VAL A 188 -12.32 21.18 16.14
CA VAL A 188 -12.77 19.86 16.58
C VAL A 188 -12.11 18.70 15.82
N ILE A 189 -11.51 17.79 16.59
CA ILE A 189 -11.02 16.51 16.06
C ILE A 189 -11.91 15.40 16.59
N PRO A 190 -12.98 15.06 15.85
CA PRO A 190 -13.97 14.05 16.29
C PRO A 190 -13.33 12.74 16.71
N SER A 191 -12.22 12.41 16.04
CA SER A 191 -11.55 11.12 16.20
C SER A 191 -10.88 10.91 17.55
N ARG A 192 -10.59 12.00 18.25
CA ARG A 192 -9.80 11.94 19.49
C ARG A 192 -10.56 11.28 20.60
N THR A 193 -9.83 10.90 21.65
CA THR A 193 -10.45 10.48 22.89
C THR A 193 -10.47 11.68 23.83
N VAL A 194 -9.35 12.41 23.84
CA VAL A 194 -9.15 13.52 24.77
C VAL A 194 -8.96 14.85 24.05
N ASN A 195 -9.39 15.93 24.69
CA ASN A 195 -9.21 17.27 24.18
C ASN A 195 -9.69 17.35 22.75
N ARG A 196 -10.95 16.97 22.54
CA ARG A 196 -11.50 16.88 21.20
C ARG A 196 -11.77 18.25 20.60
N LYS A 197 -11.86 19.24 21.49
CA LYS A 197 -12.41 20.52 21.12
C LYS A 197 -11.54 21.64 21.63
N SER A 198 -11.29 22.64 20.79
CA SER A 198 -10.64 23.85 21.27
C SER A 198 -11.61 24.67 22.13
N THR A 199 -11.08 25.69 22.78
CA THR A 199 -11.88 26.73 23.37
C THR A 199 -12.51 27.56 22.23
N ASP A 200 -13.53 28.35 22.55
CA ASP A 200 -14.24 29.12 21.54
C ASP A 200 -13.45 30.33 21.05
N SER A 201 -13.64 30.70 19.78
CA SER A 201 -13.04 31.92 19.25
C SER A 201 -13.73 33.16 19.83
N PRO A 202 -12.98 34.27 19.96
CA PRO A 202 -13.59 35.59 20.14
C PRO A 202 -14.83 35.79 19.25
N VAL A 203 -15.88 36.34 19.82
CA VAL A 203 -17.10 36.51 19.07
C VAL A 203 -16.94 37.66 18.09
N GLU A 204 -17.50 37.48 16.90
CA GLU A 204 -17.52 38.53 15.90
C GLU A 204 -18.97 38.74 15.47
N CYS A 205 -19.38 40.00 15.37
CA CYS A 205 -20.76 40.30 14.96
C CYS A 205 -20.84 41.33 13.84
N MET A 206 -21.98 41.32 13.15
CA MET A 206 -22.25 42.21 12.02
C MET A 206 -22.51 43.66 12.48
N ASP B 1 -20.20 12.13 -3.28
CA ASP B 1 -18.96 11.39 -3.63
C ASP B 1 -18.11 12.19 -4.61
N ILE B 2 -16.82 12.31 -4.31
CA ILE B 2 -15.91 12.91 -5.27
C ILE B 2 -15.41 11.81 -6.19
N VAL B 3 -15.92 11.78 -7.41
CA VAL B 3 -15.47 10.76 -8.35
C VAL B 3 -14.20 11.26 -9.03
N MET B 4 -13.33 10.31 -9.36
CA MET B 4 -12.07 10.59 -10.08
C MET B 4 -12.03 9.82 -11.38
N THR B 5 -12.03 10.50 -12.52
CA THR B 5 -11.80 9.79 -13.77
C THR B 5 -10.40 10.08 -14.29
N GLN B 6 -9.60 9.03 -14.43
CA GLN B 6 -8.28 9.15 -15.03
C GLN B 6 -8.37 9.02 -16.55
N SER B 7 -7.40 9.60 -17.26
CA SER B 7 -7.34 9.51 -18.72
C SER B 7 -6.00 10.02 -19.12
N PRO B 8 -5.33 9.35 -20.06
CA PRO B 8 -5.85 8.20 -20.76
C PRO B 8 -6.00 7.02 -19.83
N SER B 9 -6.99 6.20 -20.14
CA SER B 9 -7.25 4.98 -19.41
C SER B 9 -5.97 4.14 -19.41
N SER B 10 -5.45 3.83 -20.58
CA SER B 10 -4.10 3.27 -20.69
C SER B 10 -3.28 4.20 -21.55
N LEU B 11 -2.00 3.85 -21.73
CA LEU B 11 -1.11 4.49 -22.71
C LEU B 11 0.14 3.64 -22.80
N THR B 12 0.67 3.56 -24.00
CA THR B 12 1.83 2.72 -24.20
C THR B 12 2.94 3.48 -24.90
N VAL B 13 4.13 3.47 -24.29
CA VAL B 13 5.24 4.31 -24.76
C VAL B 13 6.57 3.63 -24.76
N THR B 14 7.46 4.24 -25.53
CA THR B 14 8.82 3.80 -25.57
C THR B 14 9.59 4.39 -24.43
N ALA B 15 10.64 3.67 -24.06
CA ALA B 15 11.57 4.08 -23.05
C ALA B 15 12.16 5.38 -23.50
N GLY B 16 12.11 6.37 -22.62
CA GLY B 16 12.82 7.57 -22.90
C GLY B 16 11.94 8.73 -23.25
N GLU B 17 10.73 8.46 -23.76
CA GLU B 17 9.76 9.54 -24.11
C GLU B 17 9.30 10.27 -22.85
N LYS B 18 8.40 11.24 -23.01
CA LYS B 18 7.79 11.90 -21.86
C LYS B 18 6.31 11.48 -21.83
N VAL B 19 5.78 11.11 -20.65
CA VAL B 19 4.33 10.82 -20.54
C VAL B 19 3.49 11.76 -19.66
N THR B 20 2.25 11.92 -20.08
CA THR B 20 1.33 12.77 -19.37
C THR B 20 0.03 12.02 -19.23
N MET B 21 -0.55 12.04 -18.03
CA MET B 21 -1.90 11.57 -17.83
C MET B 21 -2.69 12.54 -16.94
N SER B 22 -4.00 12.60 -17.15
CA SER B 22 -4.84 13.55 -16.42
C SER B 22 -5.79 12.88 -15.47
N CYS B 23 -6.00 13.59 -14.36
CA CYS B 23 -6.87 13.22 -13.22
C CYS B 23 -7.83 14.35 -12.90
N LYS B 24 -9.11 13.99 -12.78
CA LYS B 24 -10.21 14.97 -12.67
C LYS B 24 -11.28 14.60 -11.61
N SER B 25 -11.19 15.29 -10.47
CA SER B 25 -12.17 15.15 -9.38
C SER B 25 -13.51 15.76 -9.75
N SER B 26 -14.61 15.17 -9.27
CA SER B 26 -15.96 15.61 -9.67
C SER B 26 -16.25 17.01 -9.20
N GLN B 27 -15.73 17.35 -8.03
CA GLN B 27 -15.52 18.75 -7.62
C GLN B 27 -14.20 18.96 -6.88
N SER B 28 -13.96 20.22 -6.47
CA SER B 28 -12.63 20.77 -6.15
C SER B 28 -11.94 20.24 -4.90
N LEU B 29 -10.70 19.80 -5.08
CA LEU B 29 -9.83 19.43 -3.96
C LEU B 29 -8.98 20.63 -3.52
N LEU B 30 -9.53 21.84 -3.71
CA LEU B 30 -8.83 23.06 -3.36
C LEU B 30 -9.28 23.71 -2.05
N SER B 31 -8.40 23.64 -1.06
CA SER B 31 -8.70 24.13 0.27
C SER B 31 -8.29 25.58 0.32
N SER B 32 -9.13 26.43 -0.26
CA SER B 32 -8.78 27.83 -0.42
C SER B 32 -8.21 28.43 0.88
N GLY B 33 -8.50 27.78 2.02
CA GLY B 33 -7.92 28.16 3.32
C GLY B 33 -6.40 28.30 3.38
N ASN B 34 -5.71 27.43 2.67
CA ASN B 34 -4.26 27.43 2.72
C ASN B 34 -3.74 27.00 1.37
N GLN B 35 -4.56 27.27 0.38
CA GLN B 35 -4.16 27.04 -0.98
C GLN B 35 -3.42 25.72 -1.13
N LYS B 36 -4.16 24.63 -0.97
CA LYS B 36 -3.61 23.31 -1.24
C LYS B 36 -4.58 22.46 -2.04
N ASN B 37 -4.02 21.83 -3.08
CA ASN B 37 -4.77 20.85 -3.84
C ASN B 37 -4.60 19.47 -3.24
N TYR B 38 -5.66 19.00 -2.59
CA TYR B 38 -5.56 17.79 -1.79
C TYR B 38 -5.68 16.48 -2.55
N LEU B 39 -4.84 16.35 -3.60
CA LEU B 39 -4.79 15.17 -4.43
C LEU B 39 -3.54 14.34 -4.16
N THR B 40 -3.66 13.03 -4.40
CA THR B 40 -2.60 12.04 -4.16
C THR B 40 -2.33 11.07 -5.33
N TRP B 41 -1.10 10.53 -5.39
CA TRP B 41 -0.67 9.69 -6.52
C TRP B 41 -0.02 8.38 -6.17
N TYR B 42 -0.53 7.33 -6.79
CA TYR B 42 0.04 6.02 -6.62
C TYR B 42 0.60 5.36 -7.89
N GLN B 43 1.69 4.63 -7.68
CA GLN B 43 2.23 3.78 -8.71
C GLN B 43 2.01 2.39 -8.21
N GLN B 44 1.57 1.52 -9.11
CA GLN B 44 1.44 0.09 -8.80
C GLN B 44 2.05 -0.72 -9.92
N ILE B 45 3.18 -1.33 -9.59
CA ILE B 45 3.96 -2.09 -10.53
C ILE B 45 3.55 -3.53 -10.33
N PRO B 46 3.98 -4.44 -11.24
CA PRO B 46 3.72 -5.87 -11.04
C PRO B 46 4.29 -6.42 -9.72
N GLY B 47 3.42 -7.07 -8.95
CA GLY B 47 3.87 -7.91 -7.86
C GLY B 47 4.07 -7.12 -6.61
N GLN B 48 3.47 -5.94 -6.55
CA GLN B 48 3.52 -5.18 -5.33
C GLN B 48 2.35 -4.20 -5.22
N PRO B 49 1.96 -3.92 -3.98
CA PRO B 49 0.83 -3.07 -3.73
C PRO B 49 1.21 -1.62 -4.02
N PRO B 50 0.23 -0.73 -4.09
CA PRO B 50 0.46 0.67 -4.36
C PRO B 50 1.70 1.25 -3.71
N LYS B 51 2.49 1.95 -4.52
CA LYS B 51 3.49 2.84 -3.97
C LYS B 51 2.92 4.24 -4.01
N LEU B 52 3.04 4.91 -2.86
CA LEU B 52 2.79 6.33 -2.77
C LEU B 52 3.85 7.08 -3.56
N LEU B 53 3.33 7.94 -4.45
CA LEU B 53 4.15 8.79 -5.28
C LEU B 53 4.29 10.24 -4.79
N ILE B 54 3.14 10.90 -4.70
CA ILE B 54 3.03 12.37 -4.47
C ILE B 54 1.80 12.73 -3.63
N TYR B 55 1.99 13.63 -2.66
CA TYR B 55 0.86 14.21 -1.94
C TYR B 55 0.73 15.73 -2.13
N TRP B 56 -0.49 16.21 -1.92
CA TRP B 56 -0.85 17.61 -2.18
C TRP B 56 -0.66 18.02 -3.61
N ALA B 57 -0.92 17.05 -4.50
CA ALA B 57 -0.86 17.18 -5.96
C ALA B 57 0.53 17.32 -6.55
N SER B 58 1.41 17.98 -5.82
CA SER B 58 2.68 18.30 -6.42
C SER B 58 3.82 18.25 -5.44
N THR B 59 3.61 17.63 -4.28
CA THR B 59 4.74 17.34 -3.39
C THR B 59 5.28 15.93 -3.55
N ARG B 60 6.57 15.86 -3.89
CA ARG B 60 7.25 14.62 -4.20
C ARG B 60 7.59 13.93 -2.89
N GLU B 61 7.22 12.66 -2.73
CA GLU B 61 7.57 11.90 -1.52
C GLU B 61 9.02 11.49 -1.44
N SER B 62 9.58 11.46 -0.25
CA SER B 62 10.97 11.02 -0.06
C SER B 62 11.39 9.88 -1.00
N GLY B 63 12.58 9.97 -1.56
CA GLY B 63 13.05 8.87 -2.37
C GLY B 63 12.61 8.96 -3.82
N VAL B 64 11.28 8.97 -4.03
CA VAL B 64 10.66 9.15 -5.38
C VAL B 64 11.47 10.10 -6.25
N PRO B 65 11.93 9.66 -7.44
CA PRO B 65 12.76 10.51 -8.32
C PRO B 65 12.10 11.83 -8.75
N ASP B 66 12.93 12.79 -9.17
CA ASP B 66 12.44 14.10 -9.64
C ASP B 66 11.92 14.10 -11.07
N ARG B 67 12.00 12.95 -11.74
CA ARG B 67 11.51 12.84 -13.13
C ARG B 67 9.98 12.64 -13.24
N PHE B 68 9.33 12.40 -12.10
CA PHE B 68 7.88 12.40 -12.05
C PHE B 68 7.50 13.78 -11.53
N THR B 69 6.47 14.39 -12.14
CA THR B 69 6.05 15.73 -11.75
C THR B 69 4.56 15.98 -11.69
N GLY B 70 4.06 16.15 -10.48
CA GLY B 70 2.66 16.45 -10.22
C GLY B 70 2.33 17.91 -10.42
N SER B 71 1.09 18.19 -10.80
CA SER B 71 0.67 19.54 -11.15
C SER B 71 -0.83 19.60 -11.38
N GLY B 72 -1.38 20.81 -11.29
CA GLY B 72 -2.81 21.04 -11.46
C GLY B 72 -3.50 21.64 -10.25
N SER B 73 -4.72 22.16 -10.43
CA SER B 73 -5.46 22.71 -9.30
C SER B 73 -6.96 22.53 -9.38
N GLY B 74 -7.52 21.99 -8.28
CA GLY B 74 -8.95 22.00 -8.05
C GLY B 74 -9.60 20.76 -8.58
N THR B 75 -9.70 20.64 -9.90
CA THR B 75 -10.32 19.50 -10.56
C THR B 75 -9.65 19.16 -11.87
N ASP B 76 -8.37 19.45 -11.98
CA ASP B 76 -7.64 19.06 -13.17
C ASP B 76 -6.17 18.90 -12.83
N PHE B 77 -5.64 17.70 -13.02
CA PHE B 77 -4.31 17.41 -12.48
C PHE B 77 -3.47 16.69 -13.49
N THR B 78 -2.20 16.49 -13.19
CA THR B 78 -1.33 15.89 -14.17
C THR B 78 -0.02 15.35 -13.62
N LEU B 79 0.10 14.05 -13.62
CA LEU B 79 1.37 13.47 -13.38
C LEU B 79 2.06 13.49 -14.72
N THR B 80 3.28 13.96 -14.74
CA THR B 80 4.09 13.94 -15.95
C THR B 80 5.39 13.22 -15.67
N ILE B 81 5.46 11.99 -16.12
CA ILE B 81 6.71 11.26 -16.01
C ILE B 81 7.56 11.74 -17.15
N ASN B 82 8.47 12.65 -16.83
CA ASN B 82 9.34 13.22 -17.82
C ASN B 82 10.53 12.34 -18.04
N SER B 83 10.77 12.00 -19.32
CA SER B 83 11.83 11.07 -19.76
C SER B 83 11.72 9.65 -19.15
N VAL B 84 10.68 8.91 -19.54
CA VAL B 84 10.33 7.61 -18.92
C VAL B 84 11.48 6.61 -18.77
N GLN B 85 11.65 6.15 -17.55
CA GLN B 85 12.51 5.00 -17.27
C GLN B 85 11.71 3.72 -17.54
N ALA B 86 12.42 2.63 -17.84
CA ALA B 86 11.79 1.32 -18.02
C ALA B 86 11.18 0.76 -16.73
N GLU B 87 11.82 1.08 -15.62
CA GLU B 87 11.33 0.65 -14.35
C GLU B 87 10.00 1.34 -13.98
N ASP B 88 9.74 2.51 -14.57
CA ASP B 88 8.50 3.28 -14.34
C ASP B 88 7.26 2.50 -14.70
N LEU B 89 7.44 1.26 -15.16
CA LEU B 89 6.32 0.42 -15.61
C LEU B 89 5.36 0.10 -14.47
N ALA B 90 4.15 0.70 -14.54
CA ALA B 90 3.09 0.62 -13.52
C ALA B 90 1.69 0.92 -14.03
N VAL B 91 0.71 0.74 -13.14
CA VAL B 91 -0.60 1.37 -13.28
C VAL B 91 -0.64 2.42 -12.19
N TYR B 92 -1.03 3.62 -12.55
CA TYR B 92 -0.95 4.71 -11.61
C TYR B 92 -2.37 5.10 -11.29
N TYR B 93 -2.62 5.43 -10.03
CA TYR B 93 -3.92 5.90 -9.59
C TYR B 93 -3.80 7.21 -8.84
N CYS B 94 -4.62 8.18 -9.20
CA CYS B 94 -4.84 9.31 -8.31
C CYS B 94 -5.97 8.97 -7.34
N GLN B 95 -5.92 9.60 -6.18
CA GLN B 95 -6.81 9.26 -5.07
C GLN B 95 -7.23 10.55 -4.37
N ASN B 96 -8.54 10.76 -4.29
CA ASN B 96 -9.06 11.86 -3.48
C ASN B 96 -8.45 11.70 -2.10
N ASP B 97 -7.91 12.80 -1.57
CA ASP B 97 -7.25 12.77 -0.29
C ASP B 97 -7.65 13.97 0.50
N TYR B 98 -8.94 14.27 0.42
CA TYR B 98 -9.47 15.52 0.92
C TYR B 98 -10.57 15.27 1.94
N THR B 99 -11.74 14.90 1.44
CA THR B 99 -12.95 14.72 2.22
C THR B 99 -13.49 13.27 2.12
N TYR B 100 -14.19 12.81 3.14
CA TYR B 100 -14.74 11.47 3.12
C TYR B 100 -16.04 11.39 2.30
N PRO B 101 -16.25 10.29 1.52
CA PRO B 101 -15.47 9.03 1.50
C PRO B 101 -14.13 9.19 0.81
N LEU B 102 -13.23 8.28 1.14
CA LEU B 102 -11.98 8.21 0.42
C LEU B 102 -12.13 7.42 -0.85
N THR B 103 -11.73 8.07 -1.95
CA THR B 103 -12.10 7.64 -3.29
C THR B 103 -10.90 7.27 -4.16
N PHE B 104 -11.16 6.72 -5.35
CA PHE B 104 -10.07 6.45 -6.23
C PHE B 104 -10.29 6.74 -7.69
N GLY B 105 -9.19 6.80 -8.43
CA GLY B 105 -9.26 6.88 -9.87
C GLY B 105 -9.64 5.53 -10.47
N ALA B 106 -9.84 5.54 -11.79
CA ALA B 106 -10.01 4.32 -12.55
C ALA B 106 -8.67 3.57 -12.57
N GLY B 107 -7.59 4.35 -12.76
CA GLY B 107 -6.22 3.85 -12.92
C GLY B 107 -5.70 4.10 -14.31
N THR B 108 -4.37 4.26 -14.44
CA THR B 108 -3.72 4.46 -15.78
C THR B 108 -2.57 3.46 -16.08
N LYS B 109 -2.83 2.63 -17.10
CA LYS B 109 -1.99 1.51 -17.45
C LYS B 109 -0.88 2.02 -18.31
N LEU B 110 0.30 2.17 -17.71
CA LEU B 110 1.48 2.52 -18.49
C LEU B 110 2.20 1.25 -18.93
N GLU B 111 2.28 1.04 -20.25
CA GLU B 111 3.03 -0.08 -20.83
C GLU B 111 4.19 0.41 -21.67
N LEU B 112 5.19 -0.44 -21.85
CA LEU B 112 6.37 0.01 -22.56
C LEU B 112 6.62 -0.66 -23.87
N LYS B 113 6.74 0.15 -24.93
CA LYS B 113 7.13 -0.33 -26.28
C LYS B 113 8.66 -0.42 -26.37
N ARG B 114 9.18 -1.35 -27.18
CA ARG B 114 10.61 -1.39 -27.44
C ARG B 114 10.94 -2.09 -28.76
N THR B 115 12.22 -2.36 -28.98
CA THR B 115 12.66 -3.06 -30.19
C THR B 115 12.09 -4.46 -30.24
N VAL B 116 11.90 -4.98 -31.46
CA VAL B 116 11.54 -6.39 -31.66
C VAL B 116 12.58 -7.30 -30.95
N ALA B 117 12.11 -8.31 -30.25
CA ALA B 117 13.00 -9.03 -29.36
C ALA B 117 12.70 -10.51 -29.43
N ALA B 118 13.73 -11.29 -29.74
CA ALA B 118 13.56 -12.69 -30.12
C ALA B 118 13.47 -13.66 -28.92
N PRO B 119 12.33 -14.37 -28.79
CA PRO B 119 12.09 -15.35 -27.71
C PRO B 119 13.04 -16.51 -27.74
N SER B 120 13.59 -16.84 -26.57
CA SER B 120 14.42 -18.04 -26.40
C SER B 120 13.48 -19.18 -26.06
N VAL B 121 13.54 -20.24 -26.84
CA VAL B 121 12.58 -21.31 -26.65
C VAL B 121 13.16 -22.42 -25.81
N PHE B 122 12.33 -22.95 -24.92
CA PHE B 122 12.74 -23.99 -24.01
C PHE B 122 11.60 -24.92 -23.73
N ILE B 123 11.97 -26.16 -23.40
CA ILE B 123 11.01 -27.24 -23.27
C ILE B 123 11.45 -28.25 -22.24
N PHE B 124 10.47 -28.66 -21.42
CA PHE B 124 10.66 -29.61 -20.31
C PHE B 124 9.64 -30.74 -20.28
N PRO B 125 10.07 -31.94 -20.68
CA PRO B 125 9.27 -33.13 -20.45
C PRO B 125 9.09 -33.33 -18.94
N PRO B 126 8.00 -33.99 -18.51
CA PRO B 126 7.76 -34.26 -17.08
C PRO B 126 8.94 -34.95 -16.37
N SER B 127 8.99 -34.84 -15.04
CA SER B 127 10.03 -35.55 -14.29
C SER B 127 9.58 -36.99 -14.02
N ASP B 128 10.54 -37.90 -13.78
CA ASP B 128 10.22 -39.23 -13.29
C ASP B 128 9.21 -39.09 -12.13
N GLU B 129 9.46 -38.08 -11.29
CA GLU B 129 8.66 -37.81 -10.10
C GLU B 129 7.17 -37.62 -10.40
N GLN B 130 6.88 -36.97 -11.52
CA GLN B 130 5.50 -36.82 -12.00
C GLN B 130 4.97 -38.15 -12.54
N LEU B 131 5.78 -38.78 -13.39
CA LEU B 131 5.39 -40.02 -14.06
C LEU B 131 4.90 -40.98 -13.00
N LYS B 132 5.56 -40.93 -11.84
CA LYS B 132 5.18 -41.74 -10.70
C LYS B 132 3.67 -41.65 -10.50
N SER B 133 3.17 -40.45 -10.19
CA SER B 133 1.74 -40.27 -9.94
C SER B 133 0.92 -40.25 -11.24
N GLY B 134 1.59 -40.55 -12.36
CA GLY B 134 0.89 -40.88 -13.59
C GLY B 134 0.33 -39.68 -14.30
N THR B 135 0.97 -38.54 -14.09
CA THR B 135 0.55 -37.30 -14.71
C THR B 135 1.48 -36.93 -15.87
N ALA B 136 0.89 -36.56 -17.01
CA ALA B 136 1.67 -36.16 -18.15
C ALA B 136 1.49 -34.69 -18.41
N SER B 137 2.59 -33.94 -18.23
CA SER B 137 2.63 -32.50 -18.41
C SER B 137 3.91 -32.06 -19.07
N VAL B 138 3.71 -31.49 -20.24
CA VAL B 138 4.80 -30.93 -20.96
C VAL B 138 4.68 -29.44 -20.86
N VAL B 139 5.83 -28.79 -20.71
CA VAL B 139 5.91 -27.34 -20.50
C VAL B 139 6.84 -26.61 -21.49
N CYS B 140 6.27 -25.62 -22.18
CA CYS B 140 7.04 -24.82 -23.10
C CYS B 140 7.35 -23.42 -22.56
N LEU B 141 8.57 -22.96 -22.83
CA LEU B 141 9.04 -21.69 -22.30
C LEU B 141 9.67 -20.82 -23.35
N LEU B 142 9.03 -19.68 -23.58
CA LEU B 142 9.59 -18.64 -24.41
C LEU B 142 10.17 -17.69 -23.42
N ASN B 143 11.37 -17.21 -23.68
CA ASN B 143 11.98 -16.31 -22.70
C ASN B 143 12.47 -14.97 -23.17
N ASN B 144 11.82 -13.93 -22.63
CA ASN B 144 12.15 -12.50 -22.79
C ASN B 144 12.06 -12.02 -24.23
N PHE B 145 10.90 -11.51 -24.61
CA PHE B 145 10.64 -11.15 -26.01
C PHE B 145 9.64 -10.03 -26.17
N TYR B 146 9.68 -9.32 -27.30
CA TYR B 146 8.71 -8.25 -27.61
C TYR B 146 8.24 -8.31 -29.07
N PRO B 147 6.91 -8.23 -29.31
CA PRO B 147 5.83 -8.02 -28.35
C PRO B 147 5.31 -9.32 -27.77
N ARG B 148 4.12 -9.24 -27.20
CA ARG B 148 3.53 -10.35 -26.50
C ARG B 148 3.02 -11.37 -27.51
N GLU B 149 2.51 -10.90 -28.65
CA GLU B 149 1.84 -11.79 -29.61
C GLU B 149 2.75 -12.93 -30.03
N ALA B 150 2.27 -14.15 -29.80
CA ALA B 150 3.05 -15.33 -30.13
C ALA B 150 2.15 -16.54 -30.21
N LYS B 151 2.29 -17.25 -31.33
CA LYS B 151 1.57 -18.50 -31.56
C LYS B 151 2.52 -19.57 -31.14
N VAL B 152 2.01 -20.46 -30.31
CA VAL B 152 2.81 -21.51 -29.74
C VAL B 152 2.20 -22.81 -30.22
N GLN B 153 2.90 -23.47 -31.14
CA GLN B 153 2.35 -24.68 -31.74
C GLN B 153 2.86 -25.97 -31.11
N TRP B 154 1.96 -26.94 -31.00
CA TRP B 154 2.24 -28.27 -30.44
C TRP B 154 2.01 -29.33 -31.49
N LYS B 155 2.92 -30.30 -31.54
CA LYS B 155 2.75 -31.54 -32.31
C LYS B 155 3.16 -32.69 -31.42
N VAL B 156 2.36 -33.74 -31.42
CA VAL B 156 2.79 -35.00 -30.82
C VAL B 156 2.86 -36.00 -31.93
N ASP B 157 4.04 -36.55 -32.14
CA ASP B 157 4.32 -37.40 -33.30
C ASP B 157 4.10 -36.63 -34.61
N ASN B 158 4.64 -35.40 -34.65
CA ASN B 158 4.60 -34.51 -35.81
C ASN B 158 3.17 -34.09 -36.27
N ALA B 159 2.16 -34.53 -35.52
CA ALA B 159 0.77 -34.08 -35.72
C ALA B 159 0.34 -33.09 -34.63
N LEU B 160 -0.46 -32.11 -35.06
CA LEU B 160 -0.77 -30.90 -34.30
C LEU B 160 -1.79 -31.10 -33.19
N GLN B 161 -1.40 -30.75 -31.98
CA GLN B 161 -2.28 -30.85 -30.85
C GLN B 161 -2.50 -29.46 -30.34
N SER B 162 -3.67 -29.21 -29.76
CA SER B 162 -3.92 -27.94 -29.07
C SER B 162 -4.94 -28.13 -27.95
N GLY B 163 -4.95 -27.18 -27.02
CA GLY B 163 -6.00 -27.08 -25.99
C GLY B 163 -5.95 -28.14 -24.92
N ASN B 164 -5.04 -29.09 -25.08
CA ASN B 164 -4.55 -29.84 -23.95
C ASN B 164 -3.42 -29.01 -23.33
N SER B 165 -3.13 -27.91 -24.01
CA SER B 165 -2.27 -26.83 -23.52
C SER B 165 -3.11 -25.75 -22.88
N GLN B 166 -2.49 -25.04 -21.96
CA GLN B 166 -3.05 -23.83 -21.41
C GLN B 166 -1.90 -22.82 -21.35
N GLU B 167 -2.18 -21.66 -21.93
CA GLU B 167 -1.19 -20.62 -22.08
C GLU B 167 -1.11 -19.80 -20.80
N SER B 168 0.06 -19.21 -20.55
CA SER B 168 0.27 -18.28 -19.43
C SER B 168 1.44 -17.29 -19.61
N VAL B 169 1.07 -16.03 -19.81
CA VAL B 169 2.01 -14.95 -20.12
C VAL B 169 2.31 -14.13 -18.87
N THR B 170 3.56 -13.74 -18.66
CA THR B 170 3.89 -12.83 -17.55
C THR B 170 3.54 -11.39 -17.89
N GLU B 171 3.58 -10.56 -16.83
CA GLU B 171 3.54 -9.12 -16.95
C GLU B 171 4.89 -8.63 -17.43
N GLN B 172 4.90 -7.41 -18.00
CA GLN B 172 6.13 -6.76 -18.48
C GLN B 172 7.25 -6.66 -17.44
N ASP B 173 8.48 -6.77 -17.92
CA ASP B 173 9.62 -6.64 -17.06
C ASP B 173 9.76 -5.18 -16.73
N SER B 174 10.31 -4.89 -15.57
CA SER B 174 10.49 -3.52 -15.18
C SER B 174 11.92 -3.07 -15.41
N LYS B 175 12.68 -3.85 -16.20
CA LYS B 175 14.03 -3.44 -16.60
C LYS B 175 14.29 -3.56 -18.09
N ASP B 176 14.19 -4.76 -18.65
CA ASP B 176 14.32 -4.91 -20.09
C ASP B 176 12.96 -4.69 -20.75
N SER B 177 11.93 -4.61 -19.90
CA SER B 177 10.52 -4.37 -20.29
C SER B 177 9.94 -5.31 -21.34
N THR B 178 10.35 -6.58 -21.28
CA THR B 178 9.87 -7.65 -22.16
C THR B 178 8.78 -8.53 -21.51
N TYR B 179 8.17 -9.37 -22.33
CA TYR B 179 7.28 -10.40 -21.87
C TYR B 179 8.10 -11.69 -21.80
N SER B 180 7.50 -12.73 -21.20
CA SER B 180 8.03 -14.10 -21.18
C SER B 180 6.87 -15.06 -20.92
N LEU B 181 6.95 -16.27 -21.44
CA LEU B 181 5.75 -17.09 -21.53
C LEU B 181 5.96 -18.61 -21.33
N SER B 182 4.90 -19.27 -20.89
CA SER B 182 4.82 -20.73 -20.86
C SER B 182 3.51 -21.27 -21.45
N SER B 183 3.57 -22.51 -21.92
CA SER B 183 2.38 -23.23 -22.40
C SER B 183 2.47 -24.71 -22.10
N THR B 184 1.57 -25.16 -21.22
CA THR B 184 1.63 -26.48 -20.64
C THR B 184 0.74 -27.47 -21.37
N LEU B 185 1.38 -28.40 -22.08
CA LEU B 185 0.65 -29.53 -22.65
C LEU B 185 0.45 -30.61 -21.60
N THR B 186 -0.79 -31.03 -21.43
CA THR B 186 -1.17 -32.05 -20.44
C THR B 186 -1.90 -33.21 -21.08
N LEU B 187 -1.54 -34.44 -20.69
CA LEU B 187 -2.25 -35.68 -21.13
C LEU B 187 -2.19 -36.82 -20.11
N SER B 188 -2.58 -38.03 -20.50
CA SER B 188 -2.54 -39.17 -19.58
C SER B 188 -1.13 -39.80 -19.56
N LYS B 189 -0.89 -40.66 -18.56
CA LYS B 189 0.38 -41.38 -18.44
C LYS B 189 0.58 -42.26 -19.68
N ALA B 190 -0.43 -43.07 -19.99
CA ALA B 190 -0.37 -44.01 -21.13
C ALA B 190 -0.46 -43.30 -22.49
N ASP B 191 -1.05 -42.10 -22.48
CA ASP B 191 -1.10 -41.26 -23.67
C ASP B 191 0.34 -40.86 -23.98
N TYR B 192 1.04 -40.37 -22.95
CA TYR B 192 2.44 -39.95 -23.08
C TYR B 192 3.31 -41.11 -23.51
N GLU B 193 3.18 -42.23 -22.80
CA GLU B 193 4.01 -43.38 -23.04
C GLU B 193 3.75 -44.07 -24.40
N LYS B 194 3.01 -43.41 -25.29
CA LYS B 194 2.75 -43.96 -26.61
C LYS B 194 3.65 -43.37 -27.71
N HIS B 195 3.88 -42.07 -27.62
CA HIS B 195 4.41 -41.32 -28.75
C HIS B 195 5.81 -40.83 -28.50
N LYS B 196 6.56 -40.55 -29.58
CA LYS B 196 8.00 -40.19 -29.52
C LYS B 196 8.37 -38.70 -29.83
N VAL B 197 7.81 -38.16 -30.92
CA VAL B 197 8.00 -36.75 -31.32
C VAL B 197 7.12 -35.81 -30.49
N TYR B 198 7.78 -34.85 -29.85
CA TYR B 198 7.12 -33.81 -29.09
C TYR B 198 7.76 -32.45 -29.43
N ALA B 199 6.93 -31.56 -29.98
CA ALA B 199 7.46 -30.35 -30.58
C ALA B 199 6.85 -29.11 -30.01
N CYS B 200 7.70 -28.12 -29.82
CA CYS B 200 7.26 -26.78 -29.57
C CYS B 200 7.74 -25.85 -30.70
N GLU B 201 6.80 -25.45 -31.56
CA GLU B 201 7.03 -24.46 -32.61
C GLU B 201 6.49 -23.10 -32.21
N VAL B 202 7.09 -22.06 -32.78
CA VAL B 202 6.79 -20.71 -32.36
C VAL B 202 6.55 -19.79 -33.53
N THR B 203 5.63 -18.85 -33.36
CA THR B 203 5.42 -17.80 -34.36
C THR B 203 5.59 -16.45 -33.63
N HIS B 204 6.42 -15.57 -34.20
CA HIS B 204 6.75 -14.27 -33.58
C HIS B 204 7.42 -13.33 -34.52
N GLN B 205 7.23 -12.04 -34.27
CA GLN B 205 7.79 -10.98 -35.10
C GLN B 205 9.32 -10.95 -35.18
N GLY B 206 9.96 -11.55 -34.18
CA GLY B 206 11.40 -11.56 -34.13
C GLY B 206 11.85 -12.88 -34.67
N LEU B 207 10.94 -13.54 -35.40
CA LEU B 207 11.18 -14.86 -36.04
C LEU B 207 10.77 -14.85 -37.52
N SER B 208 11.73 -15.15 -38.39
CA SER B 208 11.46 -15.23 -39.81
C SER B 208 10.89 -16.62 -40.17
N SER B 209 11.56 -17.63 -39.61
CA SER B 209 11.20 -19.03 -39.77
C SER B 209 10.84 -19.55 -38.37
N PRO B 210 9.64 -20.18 -38.22
CA PRO B 210 9.20 -20.86 -36.98
C PRO B 210 10.21 -21.85 -36.31
N VAL B 211 10.72 -21.44 -35.15
CA VAL B 211 11.73 -22.20 -34.43
C VAL B 211 11.09 -23.35 -33.66
N THR B 212 11.91 -24.35 -33.35
CA THR B 212 11.45 -25.49 -32.58
C THR B 212 12.53 -26.05 -31.70
N LYS B 213 12.13 -26.38 -30.49
CA LYS B 213 12.91 -27.26 -29.62
C LYS B 213 12.10 -28.52 -29.40
N SER B 214 12.71 -29.62 -29.74
CA SER B 214 12.01 -30.85 -29.78
C SER B 214 12.83 -31.88 -29.05
N PHE B 215 12.14 -32.90 -28.53
CA PHE B 215 12.82 -33.95 -27.82
C PHE B 215 12.17 -35.31 -28.10
N ASN B 216 12.85 -36.37 -27.66
CA ASN B 216 12.28 -37.72 -27.73
C ASN B 216 11.95 -38.34 -26.40
N ARG B 217 10.78 -38.97 -26.32
CA ARG B 217 10.26 -39.55 -25.06
C ARG B 217 11.27 -40.42 -24.34
N GLY B 218 11.70 -39.96 -23.17
CA GLY B 218 12.79 -40.61 -22.46
C GLY B 218 14.05 -40.59 -23.31
N GLU B 219 14.38 -39.43 -23.86
CA GLU B 219 15.66 -39.25 -24.54
C GLU B 219 16.80 -39.43 -23.52
N CYS B 220 16.50 -39.27 -22.23
CA CYS B 220 17.45 -39.58 -21.13
C CYS B 220 16.83 -40.48 -20.05
N VAL C 2 9.30 1.03 8.86
CA VAL C 2 7.92 0.74 9.28
C VAL C 2 7.47 -0.51 8.55
N HIS C 3 6.90 -1.46 9.28
CA HIS C 3 6.40 -2.66 8.64
C HIS C 3 4.99 -3.11 9.00
N LEU C 4 4.11 -3.01 8.01
CA LEU C 4 2.74 -3.54 8.08
C LEU C 4 2.76 -4.99 7.70
N GLN C 5 2.25 -5.83 8.59
CA GLN C 5 2.22 -7.28 8.38
C GLN C 5 0.78 -7.81 8.33
N GLN C 6 0.38 -8.25 7.14
CA GLN C 6 -0.98 -8.75 6.98
C GLN C 6 -0.98 -10.25 7.22
N SER C 7 -2.11 -10.79 7.65
CA SER C 7 -2.19 -12.23 7.96
C SER C 7 -2.29 -13.06 6.69
N GLY C 8 -1.81 -14.29 6.74
CA GLY C 8 -1.69 -15.18 5.58
C GLY C 8 -2.94 -15.42 4.77
N ALA C 9 -2.77 -16.04 3.60
CA ALA C 9 -3.83 -16.19 2.59
C ALA C 9 -4.96 -17.11 3.03
N GLU C 10 -6.18 -16.75 2.67
CA GLU C 10 -7.35 -17.46 3.23
C GLU C 10 -8.41 -17.91 2.24
N LEU C 11 -9.07 -19.01 2.60
CA LEU C 11 -10.25 -19.54 1.88
C LEU C 11 -11.39 -19.62 2.87
N MET C 12 -12.56 -19.09 2.49
CA MET C 12 -13.79 -19.23 3.32
C MET C 12 -15.00 -19.56 2.46
N LYS C 13 -16.01 -20.18 3.06
CA LYS C 13 -17.18 -20.60 2.28
C LYS C 13 -18.31 -19.56 2.27
N PRO C 14 -19.05 -19.44 1.13
CA PRO C 14 -20.03 -18.36 0.96
C PRO C 14 -21.10 -18.31 2.06
N GLY C 15 -20.74 -17.77 3.23
CA GLY C 15 -21.61 -17.78 4.38
C GLY C 15 -21.04 -16.96 5.51
N ALA C 16 -20.32 -17.64 6.42
CA ALA C 16 -19.72 -17.02 7.61
C ALA C 16 -18.51 -16.11 7.31
N SER C 17 -17.76 -15.76 8.36
CA SER C 17 -16.83 -14.65 8.28
C SER C 17 -15.35 -15.02 8.23
N VAL C 18 -14.51 -13.99 8.36
CA VAL C 18 -13.05 -14.08 8.24
C VAL C 18 -12.39 -12.84 8.87
N LYS C 19 -11.52 -13.08 9.85
CA LYS C 19 -10.79 -12.02 10.54
C LYS C 19 -9.40 -11.82 9.93
N ILE C 20 -9.11 -10.59 9.53
CA ILE C 20 -7.80 -10.32 8.98
C ILE C 20 -7.04 -9.32 9.82
N SER C 21 -5.80 -9.65 10.09
CA SER C 21 -4.97 -8.86 10.98
C SER C 21 -3.82 -8.12 10.27
N CYS C 22 -3.73 -6.82 10.54
CA CYS C 22 -2.59 -5.98 10.17
C CYS C 22 -1.79 -5.65 11.43
N LYS C 23 -0.63 -6.31 11.55
CA LYS C 23 0.29 -6.13 12.67
C LYS C 23 1.41 -5.14 12.29
N ALA C 24 1.43 -3.99 12.96
CA ALA C 24 2.31 -2.89 12.54
C ALA C 24 3.50 -2.66 13.49
N SER C 25 4.70 -2.83 12.95
CA SER C 25 5.93 -2.54 13.67
C SER C 25 6.54 -1.36 12.98
N GLY C 26 7.45 -0.67 13.66
CA GLY C 26 8.25 0.36 12.99
C GLY C 26 7.88 1.81 13.29
N TYR C 27 6.80 2.00 14.05
CA TYR C 27 6.36 3.34 14.46
C TYR C 27 5.49 3.35 15.71
N THR C 28 4.81 4.47 15.98
CA THR C 28 3.82 4.52 17.06
C THR C 28 2.43 4.10 16.56
N PHE C 29 1.91 3.05 17.17
CA PHE C 29 0.78 2.35 16.61
C PHE C 29 -0.49 3.20 16.56
N ILE C 30 -0.59 4.11 17.52
CA ILE C 30 -1.86 4.74 17.86
C ILE C 30 -2.13 6.04 17.10
N THR C 31 -1.06 6.65 16.60
CA THR C 31 -1.15 7.97 16.02
C THR C 31 -1.27 7.98 14.49
N TYR C 32 -1.43 6.81 13.87
CA TYR C 32 -1.60 6.74 12.43
C TYR C 32 -2.73 5.87 12.10
N TRP C 33 -3.56 6.34 11.17
CA TRP C 33 -4.69 5.57 10.68
C TRP C 33 -4.27 4.36 9.92
N ILE C 34 -5.01 3.27 10.10
CA ILE C 34 -4.83 2.13 9.23
C ILE C 34 -6.04 2.07 8.28
N GLU C 35 -5.76 1.59 7.08
CA GLU C 35 -6.67 1.69 5.97
C GLU C 35 -6.97 0.34 5.40
N TRP C 36 -8.23 0.13 5.06
CA TRP C 36 -8.62 -1.09 4.37
C TRP C 36 -9.02 -0.91 2.93
N VAL C 37 -8.33 -1.65 2.05
CA VAL C 37 -8.51 -1.55 0.61
C VAL C 37 -8.71 -2.86 -0.14
N LYS C 38 -9.85 -2.94 -0.84
CA LYS C 38 -10.15 -4.08 -1.72
C LYS C 38 -9.48 -3.77 -3.01
N GLN C 39 -8.81 -4.80 -3.56
CA GLN C 39 -8.37 -4.80 -4.93
C GLN C 39 -8.79 -6.08 -5.61
N ARG C 40 -9.54 -5.92 -6.70
CA ARG C 40 -9.82 -7.01 -7.65
C ARG C 40 -8.88 -6.98 -8.84
N PRO C 41 -8.55 -8.17 -9.37
CA PRO C 41 -7.87 -8.29 -10.66
C PRO C 41 -8.52 -7.38 -11.73
N GLY C 42 -7.84 -6.28 -12.06
CA GLY C 42 -8.27 -5.37 -13.16
C GLY C 42 -9.52 -4.54 -12.86
N HIS C 43 -9.48 -3.79 -11.77
CA HIS C 43 -10.66 -3.06 -11.34
C HIS C 43 -10.30 -1.77 -10.67
N GLY C 44 -9.01 -1.46 -10.68
CA GLY C 44 -8.53 -0.37 -9.84
C GLY C 44 -8.53 -0.76 -8.36
N LEU C 45 -8.66 0.25 -7.51
CA LEU C 45 -8.57 0.09 -6.05
C LEU C 45 -9.82 0.61 -5.35
N GLU C 46 -10.17 -0.04 -4.25
CA GLU C 46 -11.41 0.26 -3.56
C GLU C 46 -11.21 0.46 -2.04
N TRP C 47 -11.70 1.60 -1.56
CA TRP C 47 -11.46 2.04 -0.21
C TRP C 47 -12.62 1.64 0.68
N ILE C 48 -12.37 0.81 1.68
CA ILE C 48 -13.44 0.33 2.51
C ILE C 48 -13.68 1.29 3.65
N GLY C 49 -12.60 1.96 4.07
CA GLY C 49 -12.65 2.89 5.19
C GLY C 49 -11.35 3.03 5.98
N ASP C 50 -11.45 3.48 7.23
CA ASP C 50 -10.27 3.59 8.03
C ASP C 50 -10.58 3.48 9.53
N ILE C 51 -9.52 3.30 10.32
CA ILE C 51 -9.57 3.22 11.79
C ILE C 51 -8.28 3.70 12.47
N LEU C 52 -8.45 4.49 13.52
CA LEU C 52 -7.32 4.99 14.29
C LEU C 52 -7.22 4.23 15.59
N PRO C 53 -6.15 3.42 15.71
CA PRO C 53 -5.93 2.74 16.98
C PRO C 53 -5.69 3.75 18.12
N GLY C 54 -5.98 3.35 19.36
CA GLY C 54 -5.77 4.23 20.49
C GLY C 54 -6.94 5.17 20.70
N SER C 55 -7.82 5.28 19.70
CA SER C 55 -9.06 6.02 19.90
C SER C 55 -10.22 5.28 19.24
N GLY C 56 -9.89 4.27 18.46
CA GLY C 56 -10.89 3.37 17.89
C GLY C 56 -11.85 3.98 16.87
N SER C 57 -11.56 5.20 16.43
CA SER C 57 -12.45 5.89 15.50
C SER C 57 -12.45 5.19 14.17
N THR C 58 -13.57 5.31 13.45
CA THR C 58 -13.75 4.66 12.13
C THR C 58 -14.58 5.44 11.11
N ASN C 59 -14.22 5.23 9.84
CA ASN C 59 -15.00 5.72 8.74
C ASN C 59 -15.09 4.65 7.72
N TYR C 60 -16.33 4.32 7.37
CA TYR C 60 -16.64 3.27 6.42
C TYR C 60 -17.04 3.84 5.05
N ASN C 61 -16.79 3.06 4.00
CA ASN C 61 -17.35 3.37 2.68
C ASN C 61 -18.77 2.82 2.53
N GLU C 62 -19.73 3.71 2.30
CA GLU C 62 -21.15 3.36 2.54
C GLU C 62 -21.64 2.12 1.81
N ASN C 63 -20.90 1.70 0.80
CA ASN C 63 -21.26 0.54 0.01
C ASN C 63 -21.02 -0.77 0.76
N PHE C 64 -20.34 -0.66 1.88
CA PHE C 64 -19.94 -1.82 2.67
C PHE C 64 -20.68 -2.01 3.99
N LYS C 65 -20.99 -0.92 4.69
CA LYS C 65 -21.74 -1.05 5.90
C LYS C 65 -22.64 -2.28 5.69
N GLY C 66 -22.61 -3.14 6.70
CA GLY C 66 -23.18 -4.47 6.63
C GLY C 66 -22.09 -5.49 6.39
N LYS C 67 -20.97 -5.05 5.83
CA LYS C 67 -19.92 -5.99 5.50
C LYS C 67 -18.69 -5.86 6.38
N ALA C 68 -18.15 -4.65 6.51
CA ALA C 68 -16.84 -4.51 7.11
C ALA C 68 -16.81 -4.20 8.62
N THR C 69 -15.80 -4.74 9.29
CA THR C 69 -15.60 -4.42 10.71
C THR C 69 -14.19 -4.12 11.10
N PHE C 70 -13.94 -2.83 11.34
CA PHE C 70 -12.64 -2.35 11.71
C PHE C 70 -12.51 -2.35 13.20
N THR C 71 -11.39 -2.89 13.63
CA THR C 71 -11.04 -2.95 15.03
C THR C 71 -9.52 -2.91 15.04
N ALA C 72 -8.94 -2.59 16.19
CA ALA C 72 -7.52 -2.80 16.42
C ALA C 72 -7.25 -2.99 17.92
N ASP C 73 -6.39 -3.96 18.25
CA ASP C 73 -5.91 -4.10 19.64
C ASP C 73 -4.66 -3.25 19.83
N SER C 74 -4.91 -2.07 20.38
CA SER C 74 -3.88 -1.12 20.76
C SER C 74 -2.66 -1.90 21.25
N SER C 75 -2.87 -2.73 22.27
CA SER C 75 -1.82 -3.29 23.11
C SER C 75 -1.25 -4.63 22.63
N SER C 76 -1.32 -4.81 21.31
CA SER C 76 -0.73 -5.96 20.65
C SER C 76 -0.26 -5.62 19.24
N ASN C 77 -0.26 -4.33 18.91
CA ASN C 77 0.20 -3.81 17.60
C ASN C 77 -0.47 -4.38 16.35
N THR C 78 -1.77 -4.63 16.43
CA THR C 78 -2.51 -5.28 15.33
C THR C 78 -3.91 -4.70 15.10
N ALA C 79 -4.21 -4.44 13.84
CA ALA C 79 -5.51 -3.94 13.42
C ALA C 79 -6.32 -5.07 12.83
N TYR C 80 -7.65 -4.96 12.85
CA TYR C 80 -8.49 -6.05 12.39
C TYR C 80 -9.61 -5.59 11.48
N MET C 81 -9.83 -6.38 10.41
CA MET C 81 -11.06 -6.32 9.60
C MET C 81 -11.69 -7.68 9.41
N GLN C 82 -12.97 -7.76 9.79
CA GLN C 82 -13.78 -8.96 9.59
C GLN C 82 -14.75 -8.66 8.46
N LEU C 83 -15.11 -9.71 7.73
CA LEU C 83 -16.02 -9.57 6.61
C LEU C 83 -17.03 -10.65 6.64
N SER C 84 -18.29 -10.25 6.57
CA SER C 84 -19.39 -11.17 6.79
C SER C 84 -20.17 -11.44 5.51
N SER C 85 -20.91 -12.55 5.54
CA SER C 85 -21.85 -12.88 4.47
C SER C 85 -21.11 -12.93 3.15
N LEU C 86 -19.97 -13.61 3.16
CA LEU C 86 -19.02 -13.60 2.03
C LEU C 86 -19.64 -14.09 0.73
N THR C 87 -19.16 -13.52 -0.36
CA THR C 87 -19.72 -13.74 -1.68
C THR C 87 -18.61 -13.81 -2.76
N SER C 88 -18.98 -13.64 -4.01
CA SER C 88 -17.97 -13.49 -5.04
C SER C 88 -17.45 -12.03 -5.11
N GLU C 89 -18.32 -11.04 -4.91
CA GLU C 89 -17.89 -9.62 -4.96
C GLU C 89 -17.09 -9.29 -3.70
N ASP C 90 -16.99 -10.29 -2.83
CA ASP C 90 -16.13 -10.25 -1.67
C ASP C 90 -14.79 -10.92 -1.95
N SER C 91 -14.79 -12.02 -2.70
CA SER C 91 -13.53 -12.63 -3.17
C SER C 91 -12.64 -11.57 -3.83
N ALA C 92 -11.48 -11.31 -3.21
CA ALA C 92 -10.47 -10.33 -3.69
C ALA C 92 -9.16 -10.32 -2.87
N VAL C 93 -8.34 -9.29 -3.10
CA VAL C 93 -7.15 -9.03 -2.28
C VAL C 93 -7.39 -7.85 -1.36
N TYR C 94 -7.06 -8.05 -0.09
CA TYR C 94 -7.32 -7.02 0.87
C TYR C 94 -6.12 -6.38 1.54
N TYR C 95 -6.16 -5.05 1.61
CA TYR C 95 -5.00 -4.23 1.89
C TYR C 95 -5.09 -3.29 3.10
N CYS C 96 -4.08 -3.38 3.97
CA CYS C 96 -3.86 -2.46 5.09
C CYS C 96 -2.70 -1.49 4.85
N ALA C 97 -2.94 -0.20 5.01
CA ALA C 97 -1.85 0.77 4.80
C ALA C 97 -1.92 1.85 5.87
N ARG C 98 -0.79 2.50 6.10
CA ARG C 98 -0.72 3.52 7.14
C ARG C 98 -1.10 4.89 6.58
N SER C 99 -1.71 5.73 7.43
CA SER C 99 -2.05 7.08 7.03
C SER C 99 -0.79 7.91 6.70
N GLY C 100 -1.00 9.21 6.47
CA GLY C 100 0.10 10.15 6.19
C GLY C 100 0.75 10.82 7.41
N TYR C 101 2.07 10.95 7.33
CA TYR C 101 2.88 11.57 8.39
C TYR C 101 2.67 13.07 8.40
N TYR C 102 2.29 13.63 7.25
CA TYR C 102 2.12 15.07 7.17
C TYR C 102 0.67 15.50 7.01
N GLY C 103 -0.24 14.75 7.59
CA GLY C 103 -1.60 15.23 7.53
C GLY C 103 -2.33 14.59 6.38
N ASN C 104 -2.51 15.30 5.26
CA ASN C 104 -3.24 14.63 4.14
C ASN C 104 -2.32 14.00 3.12
N SER C 105 -1.24 13.37 3.58
CA SER C 105 -0.18 12.84 2.70
C SER C 105 -0.44 11.42 2.20
N GLY C 106 -1.65 11.14 1.74
CA GLY C 106 -2.03 9.83 1.20
C GLY C 106 -1.80 8.65 2.14
N PHE C 107 -1.66 7.49 1.50
CA PHE C 107 -1.24 6.24 2.15
C PHE C 107 0.24 6.20 1.90
N ALA C 108 0.99 5.77 2.90
CA ALA C 108 2.45 5.82 2.84
C ALA C 108 3.00 4.44 2.73
N TYR C 109 2.65 3.60 3.68
CA TYR C 109 3.08 2.21 3.65
C TYR C 109 1.89 1.31 3.39
N TRP C 110 2.15 0.20 2.74
CA TRP C 110 1.08 -0.75 2.48
C TRP C 110 1.39 -2.12 2.99
N GLY C 111 0.39 -2.82 3.51
CA GLY C 111 0.54 -4.25 3.75
C GLY C 111 0.59 -5.05 2.44
N GLN C 112 1.21 -6.22 2.49
CA GLN C 112 1.47 -7.01 1.29
C GLN C 112 0.20 -7.67 0.69
N GLY C 113 -0.92 -7.53 1.38
CA GLY C 113 -2.18 -8.08 0.89
C GLY C 113 -2.46 -9.50 1.32
N THR C 114 -3.69 -9.95 1.05
CA THR C 114 -4.18 -11.24 1.45
C THR C 114 -5.29 -11.56 0.46
N LEU C 115 -5.25 -12.75 -0.13
CA LEU C 115 -6.31 -13.13 -1.06
C LEU C 115 -7.49 -13.73 -0.37
N VAL C 116 -8.63 -13.06 -0.50
CA VAL C 116 -9.88 -13.66 -0.08
C VAL C 116 -10.44 -14.43 -1.24
N THR C 117 -10.72 -15.69 -0.99
CA THR C 117 -11.30 -16.55 -1.99
C THR C 117 -12.60 -17.12 -1.41
N VAL C 118 -13.71 -16.84 -2.07
CA VAL C 118 -15.03 -17.25 -1.59
C VAL C 118 -15.71 -18.26 -2.49
N SER C 119 -15.65 -19.53 -2.12
CA SER C 119 -16.40 -20.62 -2.78
C SER C 119 -16.61 -21.75 -1.77
N ALA C 120 -17.58 -22.60 -2.04
CA ALA C 120 -17.63 -23.85 -1.33
C ALA C 120 -16.76 -24.75 -2.19
N ALA C 121 -15.47 -24.76 -1.85
CA ALA C 121 -14.46 -25.45 -2.63
C ALA C 121 -13.50 -26.19 -1.73
N SER C 122 -12.99 -27.31 -2.20
CA SER C 122 -12.03 -28.11 -1.44
C SER C 122 -10.75 -27.33 -1.25
N THR C 123 -10.02 -27.64 -0.18
CA THR C 123 -8.65 -27.18 -0.03
C THR C 123 -7.74 -28.22 -0.67
N LYS C 124 -6.63 -27.78 -1.25
CA LYS C 124 -5.65 -28.71 -1.80
C LYS C 124 -4.27 -28.08 -1.96
N GLY C 125 -3.29 -28.67 -1.29
CA GLY C 125 -1.88 -28.39 -1.53
C GLY C 125 -1.53 -29.05 -2.84
N PRO C 126 -0.47 -28.53 -3.51
CA PRO C 126 -0.09 -28.86 -4.89
C PRO C 126 0.86 -30.06 -5.07
N SER C 127 1.30 -30.27 -6.31
CA SER C 127 2.41 -31.19 -6.58
C SER C 127 3.61 -30.40 -7.10
N VAL C 128 4.81 -30.77 -6.66
CA VAL C 128 6.00 -30.02 -7.07
C VAL C 128 7.08 -30.92 -7.68
N PHE C 129 7.17 -30.92 -9.01
CA PHE C 129 8.17 -31.73 -9.70
C PHE C 129 9.29 -30.86 -10.27
N PRO C 130 10.51 -31.41 -10.38
CA PRO C 130 11.58 -30.60 -10.92
C PRO C 130 11.49 -30.48 -12.43
N LEU C 131 11.89 -29.31 -12.91
CA LEU C 131 12.03 -29.04 -14.33
C LEU C 131 13.52 -29.09 -14.73
N ALA C 132 13.90 -30.24 -15.31
CA ALA C 132 15.28 -30.58 -15.69
C ALA C 132 16.06 -29.56 -16.54
N PRO C 133 17.15 -28.98 -15.97
CA PRO C 133 18.09 -28.26 -16.81
C PRO C 133 18.56 -29.19 -17.91
N SER C 134 18.31 -28.79 -19.17
CA SER C 134 18.65 -29.61 -20.34
C SER C 134 19.03 -28.78 -21.57
N SER C 135 19.62 -29.45 -22.58
CA SER C 135 19.94 -28.83 -23.87
C SER C 135 18.69 -28.14 -24.41
N LYS C 136 17.55 -28.80 -24.21
CA LYS C 136 16.23 -28.38 -24.67
C LYS C 136 15.69 -27.17 -23.88
N SER C 137 16.49 -26.70 -22.93
CA SER C 137 16.20 -25.44 -22.25
C SER C 137 17.50 -24.67 -22.00
N THR C 138 18.57 -25.04 -22.71
CA THR C 138 19.86 -24.36 -22.60
C THR C 138 20.25 -23.69 -23.87
N SER C 139 20.34 -22.37 -23.82
CA SER C 139 20.83 -21.60 -24.97
C SER C 139 21.46 -20.27 -24.58
N GLY C 140 22.48 -19.87 -25.32
CA GLY C 140 23.33 -18.71 -24.99
C GLY C 140 24.36 -18.97 -23.90
N GLY C 141 24.63 -20.24 -23.62
CA GLY C 141 25.50 -20.62 -22.51
C GLY C 141 24.89 -20.41 -21.12
N THR C 142 23.58 -20.59 -21.01
CA THR C 142 22.88 -20.64 -19.71
C THR C 142 21.73 -21.60 -19.86
N ALA C 143 21.40 -22.25 -18.74
CA ALA C 143 20.22 -23.08 -18.65
C ALA C 143 19.15 -22.41 -17.83
N ALA C 144 17.92 -22.79 -18.13
CA ALA C 144 16.78 -22.35 -17.34
C ALA C 144 16.06 -23.55 -16.80
N LEU C 145 15.63 -23.45 -15.55
CA LEU C 145 15.08 -24.60 -14.86
C LEU C 145 14.12 -24.13 -13.78
N GLY C 146 13.18 -24.99 -13.40
CA GLY C 146 12.19 -24.62 -12.40
C GLY C 146 11.39 -25.75 -11.79
N CYS C 147 10.14 -25.44 -11.45
CA CYS C 147 9.22 -26.43 -10.90
C CYS C 147 7.84 -26.16 -11.42
N LEU C 148 7.01 -27.20 -11.46
CA LEU C 148 5.58 -27.01 -11.65
C LEU C 148 4.87 -27.17 -10.32
N VAL C 149 3.93 -26.25 -10.05
CA VAL C 149 3.14 -26.24 -8.82
C VAL C 149 1.66 -26.51 -9.18
N LYS C 150 1.32 -27.80 -9.19
CA LYS C 150 0.13 -28.30 -9.86
C LYS C 150 -0.88 -28.84 -8.89
N ASP C 151 -2.13 -28.55 -9.20
CA ASP C 151 -3.31 -29.11 -8.52
C ASP C 151 -3.42 -28.64 -7.07
N TYR C 152 -3.13 -27.36 -6.82
CA TYR C 152 -3.39 -26.70 -5.52
C TYR C 152 -4.70 -25.88 -5.53
N PHE C 153 -5.26 -25.63 -4.37
CA PHE C 153 -6.45 -24.79 -4.34
C PHE C 153 -6.65 -24.17 -2.97
N PRO C 154 -7.02 -22.89 -2.94
CA PRO C 154 -7.09 -21.85 -3.99
C PRO C 154 -5.83 -20.99 -4.12
N GLU C 155 -5.96 -19.83 -4.78
CA GLU C 155 -4.87 -18.88 -4.83
C GLU C 155 -4.61 -18.41 -3.39
N PRO C 156 -3.37 -17.97 -3.08
CA PRO C 156 -2.11 -17.99 -3.82
C PRO C 156 -1.12 -19.05 -3.41
N VAL C 157 0.11 -18.92 -3.91
CA VAL C 157 1.22 -19.76 -3.53
C VAL C 157 2.45 -18.92 -3.69
N THR C 158 3.50 -19.18 -2.91
CA THR C 158 4.78 -18.55 -3.22
C THR C 158 5.93 -19.51 -3.39
N VAL C 159 6.81 -19.15 -4.32
CA VAL C 159 8.01 -19.88 -4.58
C VAL C 159 9.18 -18.94 -4.40
N SER C 160 10.23 -19.45 -3.78
CA SER C 160 11.47 -18.72 -3.63
C SER C 160 12.55 -19.68 -4.06
N TRP C 161 13.74 -19.16 -4.32
CA TRP C 161 14.80 -20.01 -4.80
C TRP C 161 15.98 -20.00 -3.89
N ASN C 162 16.26 -21.20 -3.37
CA ASN C 162 17.34 -21.53 -2.41
C ASN C 162 17.23 -20.69 -1.17
N SER C 163 16.01 -20.56 -0.66
CA SER C 163 15.70 -19.61 0.42
C SER C 163 16.15 -18.20 0.04
N GLY C 164 15.72 -17.80 -1.16
CA GLY C 164 15.87 -16.42 -1.65
C GLY C 164 17.27 -15.83 -1.73
N ALA C 165 18.28 -16.68 -1.63
CA ALA C 165 19.67 -16.28 -1.91
C ALA C 165 19.87 -16.04 -3.42
N LEU C 166 18.89 -16.51 -4.19
CA LEU C 166 18.84 -16.40 -5.66
C LEU C 166 17.60 -15.60 -6.06
N THR C 167 17.76 -14.30 -6.34
CA THR C 167 16.61 -13.41 -6.59
C THR C 167 16.41 -13.10 -8.08
N SER C 168 17.52 -13.08 -8.83
CA SER C 168 17.49 -12.64 -10.22
C SER C 168 16.93 -13.62 -11.29
N GLY C 169 16.22 -13.05 -12.27
CA GLY C 169 15.77 -13.76 -13.47
C GLY C 169 14.71 -14.82 -13.27
N VAL C 170 14.15 -14.87 -12.09
CA VAL C 170 13.10 -15.82 -11.80
C VAL C 170 11.86 -15.44 -12.56
N HIS C 171 11.10 -16.44 -12.94
CA HIS C 171 9.81 -16.16 -13.57
C HIS C 171 8.74 -17.03 -12.97
N THR C 172 7.56 -16.45 -12.79
CA THR C 172 6.43 -17.15 -12.18
C THR C 172 5.11 -16.80 -12.90
N PHE C 173 4.45 -17.80 -13.41
CA PHE C 173 3.35 -17.53 -14.31
C PHE C 173 2.05 -17.56 -13.54
N PRO C 174 1.16 -16.59 -13.81
CA PRO C 174 -0.19 -16.59 -13.25
C PRO C 174 -0.90 -17.92 -13.53
N ALA C 175 -0.80 -18.84 -12.58
CA ALA C 175 -1.50 -20.11 -12.70
C ALA C 175 -2.91 -19.85 -13.16
N VAL C 176 -3.33 -20.62 -14.13
CA VAL C 176 -4.73 -20.65 -14.48
C VAL C 176 -5.32 -21.95 -13.90
N LEU C 177 -6.64 -22.01 -13.77
CA LEU C 177 -7.28 -23.19 -13.24
C LEU C 177 -7.43 -24.24 -14.32
N GLN C 178 -7.26 -25.51 -13.96
CA GLN C 178 -7.32 -26.60 -14.93
C GLN C 178 -8.74 -27.03 -15.24
N SER C 179 -8.86 -27.86 -16.26
CA SER C 179 -10.14 -28.44 -16.61
C SER C 179 -10.69 -29.12 -15.36
N SER C 180 -9.78 -29.56 -14.50
CA SER C 180 -10.13 -30.05 -13.17
C SER C 180 -10.81 -28.95 -12.35
N GLY C 181 -10.11 -27.83 -12.14
CA GLY C 181 -10.57 -26.75 -11.28
C GLY C 181 -9.50 -26.35 -10.28
N LEU C 182 -8.40 -27.12 -10.28
CA LEU C 182 -7.21 -26.87 -9.47
C LEU C 182 -6.19 -26.04 -10.23
N TYR C 183 -5.81 -24.90 -9.66
CA TYR C 183 -4.78 -24.05 -10.25
C TYR C 183 -3.47 -24.79 -10.47
N SER C 184 -2.62 -24.18 -11.28
CA SER C 184 -1.32 -24.75 -11.52
C SER C 184 -0.42 -23.72 -12.13
N LEU C 185 0.83 -23.66 -11.64
CA LEU C 185 1.85 -22.73 -12.16
C LEU C 185 3.27 -23.26 -12.08
N SER C 186 4.13 -22.72 -12.91
CA SER C 186 5.53 -23.08 -12.93
C SER C 186 6.39 -21.90 -12.50
N SER C 187 7.65 -22.15 -12.19
CA SER C 187 8.57 -21.06 -11.87
C SER C 187 10.01 -21.37 -12.17
N VAL C 188 10.43 -21.00 -13.35
CA VAL C 188 11.79 -21.24 -13.74
C VAL C 188 12.70 -20.08 -13.47
N VAL C 189 13.97 -20.34 -13.64
CA VAL C 189 14.92 -19.28 -13.65
C VAL C 189 16.06 -19.68 -14.54
N THR C 190 16.46 -18.73 -15.37
CA THR C 190 17.66 -18.85 -16.16
C THR C 190 18.81 -18.69 -15.20
N VAL C 191 19.97 -19.17 -15.59
CA VAL C 191 21.12 -19.03 -14.72
C VAL C 191 22.38 -19.31 -15.50
N PRO C 192 23.48 -18.59 -15.17
CA PRO C 192 24.83 -19.02 -15.55
C PRO C 192 24.95 -20.56 -15.52
N SER C 193 25.55 -21.11 -16.57
CA SER C 193 25.44 -22.55 -16.87
C SER C 193 26.32 -23.50 -16.02
N SER C 194 27.64 -23.35 -16.12
CA SER C 194 28.60 -24.28 -15.51
C SER C 194 28.37 -24.55 -14.04
N SER C 195 27.63 -23.64 -13.41
CA SER C 195 27.22 -23.75 -12.03
C SER C 195 26.39 -25.00 -11.75
N LEU C 196 25.65 -25.45 -12.76
CA LEU C 196 24.74 -26.58 -12.65
C LEU C 196 25.30 -27.78 -11.94
N GLY C 197 26.63 -27.93 -12.01
CA GLY C 197 27.34 -28.95 -11.23
C GLY C 197 27.33 -28.64 -9.75
N THR C 198 28.00 -27.56 -9.36
CA THR C 198 28.15 -27.24 -7.95
C THR C 198 27.41 -25.99 -7.56
N GLN C 199 26.09 -26.08 -7.63
CA GLN C 199 25.23 -25.08 -7.02
C GLN C 199 23.84 -25.67 -6.94
N THR C 200 23.26 -25.63 -5.75
CA THR C 200 21.98 -26.29 -5.54
C THR C 200 20.82 -25.33 -5.53
N TYR C 201 19.90 -25.63 -6.43
CA TYR C 201 18.72 -24.81 -6.69
C TYR C 201 17.47 -25.55 -6.24
N ILE C 202 16.63 -24.83 -5.48
CA ILE C 202 15.50 -25.44 -4.80
C ILE C 202 14.34 -24.46 -4.68
N CYS C 203 13.16 -24.87 -5.15
CA CYS C 203 11.98 -24.00 -5.10
C CYS C 203 11.17 -24.13 -3.82
N ASN C 204 11.21 -23.06 -3.06
CA ASN C 204 10.60 -23.08 -1.77
C ASN C 204 9.19 -22.59 -1.90
N VAL C 205 8.33 -23.58 -2.16
CA VAL C 205 6.89 -23.41 -2.35
C VAL C 205 6.15 -23.48 -1.02
N ASN C 206 5.27 -22.52 -0.77
CA ASN C 206 4.32 -22.61 0.33
C ASN C 206 2.90 -22.37 -0.15
N HIS C 207 1.97 -23.10 0.46
CA HIS C 207 0.55 -22.93 0.26
C HIS C 207 -0.04 -22.96 1.65
N LYS C 208 -0.32 -21.78 2.23
CA LYS C 208 -0.92 -21.68 3.60
C LYS C 208 -2.34 -22.26 3.73
N PRO C 209 -3.28 -21.85 2.84
CA PRO C 209 -4.66 -22.41 2.84
C PRO C 209 -4.74 -23.94 3.06
N SER C 210 -3.70 -24.64 2.62
CA SER C 210 -3.62 -26.08 2.81
C SER C 210 -2.58 -26.36 3.88
N ASN C 211 -1.67 -25.42 4.08
CA ASN C 211 -0.57 -25.57 5.04
C ASN C 211 0.45 -26.60 4.59
N THR C 212 1.06 -26.32 3.45
CA THR C 212 2.12 -27.16 2.92
C THR C 212 3.36 -26.31 2.53
N LYS C 213 4.49 -26.57 3.19
CA LYS C 213 5.79 -26.04 2.74
C LYS C 213 6.50 -27.19 2.04
N VAL C 214 6.94 -26.93 0.81
CA VAL C 214 7.54 -27.96 -0.06
C VAL C 214 8.84 -27.48 -0.73
N ASP C 215 9.86 -28.32 -0.63
CA ASP C 215 11.16 -28.03 -1.20
C ASP C 215 11.54 -29.16 -2.16
N LYS C 216 12.00 -28.78 -3.34
CA LYS C 216 12.38 -29.75 -4.36
C LYS C 216 13.74 -29.40 -4.94
N LYS C 217 14.69 -30.33 -4.86
CA LYS C 217 16.01 -30.10 -5.45
C LYS C 217 15.94 -30.38 -6.93
N VAL C 218 16.23 -29.33 -7.69
CA VAL C 218 16.19 -29.41 -9.15
C VAL C 218 17.50 -30.06 -9.61
N GLU C 219 17.38 -31.12 -10.39
CA GLU C 219 18.55 -31.84 -10.84
C GLU C 219 18.52 -32.20 -12.31
N PRO C 220 19.67 -32.12 -12.97
CA PRO C 220 19.93 -32.39 -14.38
C PRO C 220 19.66 -33.82 -14.91
N LYS C 221 19.97 -34.04 -16.18
CA LYS C 221 19.67 -35.29 -16.83
C LYS C 221 20.95 -36.06 -17.22
N SER C 222 20.78 -37.31 -17.67
CA SER C 222 21.88 -38.16 -18.15
C SER C 222 21.48 -39.01 -19.40
N CYS C 223 22.03 -38.68 -20.57
CA CYS C 223 21.50 -39.17 -21.86
C CYS C 223 22.51 -39.88 -22.74
#